data_5J1A
#
_entry.id   5J1A
#
_cell.length_a   42.186
_cell.length_b   90.321
_cell.length_c   106.246
_cell.angle_alpha   90.00
_cell.angle_beta   90.00
_cell.angle_gamma   90.00
#
_symmetry.space_group_name_H-M   'P 21 21 21'
#
loop_
_entity.id
_entity.type
_entity.pdbx_description
1 polymer 'T-cell surface glycoprotein CD1a'
2 polymer Beta-2-microglobulin
3 non-polymer 3-[(8Z,11Z)-pentadeca-8,11-dien-1-yl]benzene-1,2-diol
4 water water
#
loop_
_entity_poly.entity_id
_entity_poly.type
_entity_poly.pdbx_seq_one_letter_code
_entity_poly.pdbx_strand_id
1 'polypeptide(L)'
;MLFLLLPLLAVLPGDGNADGLKEPLSFHVIWIASFYNHSWKQNLVSGWLSDLQTHTWDSNSSTIVFLWPWSRGNFSNEEW
KELETLFRIRTIRSFEGIRRYAHELQFEYPFEIQVTGGCELHSGKVSGSFLQLAYQGSDFVSFQNNSWLPYPVAGNMAKH
FCKVLNQNQHENDITHNLLSDTCPRFILGLLDAGKAHLQRQVKPEAWLSHGPSPGPGHLQLVCHVSGFYPKPVWVMWMRG
EQEQQGTQRGDILPSADGTWYLRATLEVAAGEAADLSCRVKHSSLEGQDIVLYWEGSLVPR
;
A
2 'polypeptide(L)'
;MSRSVALAVLALLSLSGLEAIQRTPKIQVYSRHPAENGKSNFLNCYVSGFHPSDIEVDLLKNGERIEKVEHSDLSFSKDW
SFYLLYYTEFTPTEKDEYACRVNHVTLSQPKIVKWDRDM
;
B
#
loop_
_chem_comp.id
_chem_comp.type
_chem_comp.name
_chem_comp.formula
6F8 non-polymer 3-[(8Z,11Z)-pentadeca-8,11-dien-1-yl]benzene-1,2-diol 'C21 H32 O2'
#
# COMPACT_ATOMS: atom_id res chain seq x y z
N LEU A 25 -15.35 -2.27 3.30
CA LEU A 25 -15.17 -1.66 4.61
C LEU A 25 -14.86 -2.74 5.66
N SER A 26 -13.63 -2.74 6.21
CA SER A 26 -13.15 -3.73 7.18
C SER A 26 -12.03 -3.22 8.09
N PHE A 27 -12.16 -3.42 9.43
CA PHE A 27 -11.08 -3.03 10.33
C PHE A 27 -10.10 -4.20 10.50
N HIS A 28 -8.81 -3.93 10.27
CA HIS A 28 -7.80 -4.97 10.46
C HIS A 28 -6.48 -4.39 10.97
N VAL A 29 -5.68 -5.25 11.59
CA VAL A 29 -4.37 -4.91 12.14
C VAL A 29 -3.32 -5.65 11.30
N ILE A 30 -2.19 -4.99 11.05
CA ILE A 30 -1.08 -5.51 10.24
C ILE A 30 0.14 -5.56 11.16
N TRP A 31 0.71 -6.75 11.32
CA TRP A 31 1.84 -7.00 12.23
C TRP A 31 2.98 -7.60 11.43
N ILE A 32 4.14 -6.94 11.46
CA ILE A 32 5.33 -7.38 10.74
C ILE A 32 6.45 -7.61 11.76
N ALA A 33 6.96 -8.84 11.84
CA ALA A 33 8.09 -9.10 12.74
C ALA A 33 9.24 -9.74 11.97
N SER A 34 10.40 -9.05 11.95
CA SER A 34 11.59 -9.54 11.27
C SER A 34 12.60 -10.03 12.28
N PHE A 35 13.00 -11.28 12.15
CA PHE A 35 13.98 -11.91 13.06
C PHE A 35 15.24 -12.13 12.24
N TYR A 36 16.17 -11.16 12.28
CA TYR A 36 17.39 -11.23 11.46
C TYR A 36 18.41 -12.24 12.03
N ASN A 37 18.49 -12.33 13.36
CA ASN A 37 19.32 -13.27 14.11
C ASN A 37 18.71 -13.40 15.48
N HIS A 38 19.20 -14.33 16.32
CA HIS A 38 18.66 -14.53 17.66
C HIS A 38 18.71 -13.25 18.52
N SER A 39 19.63 -12.31 18.20
CA SER A 39 19.81 -11.11 19.02
C SER A 39 19.33 -9.81 18.33
N TRP A 40 18.73 -9.90 17.13
CA TRP A 40 18.25 -8.70 16.45
C TRP A 40 16.86 -8.94 15.82
N LYS A 41 15.93 -8.00 16.02
CA LYS A 41 14.58 -8.08 15.47
C LYS A 41 14.07 -6.67 15.17
N GLN A 42 12.97 -6.59 14.43
CA GLN A 42 12.29 -5.35 14.09
C GLN A 42 10.79 -5.66 14.08
N ASN A 43 9.99 -4.89 14.84
CA ASN A 43 8.54 -5.09 14.92
C ASN A 43 7.81 -3.87 14.42
N LEU A 44 6.90 -4.07 13.46
CA LEU A 44 6.09 -2.96 12.91
C LEU A 44 4.61 -3.30 12.98
N VAL A 45 3.79 -2.43 13.59
CA VAL A 45 2.36 -2.73 13.76
C VAL A 45 1.51 -1.53 13.38
N SER A 46 0.37 -1.79 12.71
CA SER A 46 -0.54 -0.72 12.30
C SER A 46 -1.99 -1.20 12.20
N GLY A 47 -2.94 -0.27 12.41
CA GLY A 47 -4.37 -0.51 12.36
C GLY A 47 -4.95 0.16 11.14
N TRP A 48 -5.91 -0.51 10.49
CA TRP A 48 -6.45 -0.07 9.20
C TRP A 48 -7.95 -0.23 9.07
N LEU A 49 -8.58 0.79 8.47
CA LEU A 49 -9.99 0.76 8.11
C LEU A 49 -9.96 0.75 6.58
N SER A 50 -9.68 -0.45 6.01
CA SER A 50 -9.55 -0.83 4.60
C SER A 50 -8.22 -0.29 4.03
N ASP A 51 -8.29 0.71 3.14
CA ASP A 51 -7.09 1.30 2.57
C ASP A 51 -6.52 2.38 3.50
N LEU A 52 -7.27 2.76 4.55
CA LEU A 52 -6.91 3.87 5.44
C LEU A 52 -6.24 3.45 6.77
N GLN A 53 -4.98 3.90 6.97
CA GLN A 53 -4.24 3.65 8.21
C GLN A 53 -4.81 4.53 9.30
N THR A 54 -5.19 3.93 10.44
CA THR A 54 -5.80 4.67 11.54
C THR A 54 -4.93 4.68 12.79
N HIS A 55 -4.05 3.68 12.95
CA HIS A 55 -3.23 3.54 14.15
C HIS A 55 -1.86 3.03 13.84
N THR A 56 -0.92 3.31 14.76
CA THR A 56 0.43 2.80 14.66
C THR A 56 0.94 2.45 16.05
N TRP A 57 1.82 1.44 16.12
CA TRP A 57 2.46 1.09 17.38
C TRP A 57 3.82 1.76 17.40
N ASP A 58 4.16 2.40 18.52
CA ASP A 58 5.44 3.06 18.73
C ASP A 58 6.33 2.09 19.50
N SER A 59 7.27 1.42 18.79
CA SER A 59 8.18 0.41 19.35
C SER A 59 9.04 0.97 20.50
N ASN A 60 9.39 2.28 20.45
CA ASN A 60 10.18 2.96 21.46
C ASN A 60 9.42 3.14 22.79
N SER A 61 8.30 3.90 22.77
CA SER A 61 7.51 4.21 23.98
C SER A 61 6.53 3.08 24.38
N SER A 62 6.28 2.10 23.48
CA SER A 62 5.36 0.96 23.66
C SER A 62 3.93 1.47 23.94
N THR A 63 3.45 2.41 23.09
CA THR A 63 2.13 3.03 23.19
C THR A 63 1.39 3.07 21.84
N ILE A 64 0.04 3.17 21.89
CA ILE A 64 -0.82 3.29 20.69
C ILE A 64 -0.77 4.72 20.17
N VAL A 65 -0.52 4.87 18.87
CA VAL A 65 -0.48 6.16 18.17
C VAL A 65 -1.77 6.30 17.37
N PHE A 66 -2.55 7.35 17.66
CA PHE A 66 -3.82 7.64 16.98
C PHE A 66 -3.52 8.62 15.84
N LEU A 67 -3.70 8.16 14.59
CA LEU A 67 -3.41 8.93 13.38
C LEU A 67 -4.48 9.96 13.08
N TRP A 68 -5.70 9.77 13.60
CA TRP A 68 -6.79 10.71 13.37
C TRP A 68 -7.44 11.07 14.71
N PRO A 69 -8.10 12.25 14.83
CA PRO A 69 -8.77 12.58 16.11
C PRO A 69 -9.88 11.56 16.44
N TRP A 70 -10.54 11.03 15.41
CA TRP A 70 -11.59 10.02 15.52
C TRP A 70 -11.05 8.56 15.66
N SER A 71 -9.71 8.33 15.52
CA SER A 71 -9.09 7.00 15.65
C SER A 71 -9.38 6.32 17.03
N ARG A 72 -9.66 7.12 18.08
CA ARG A 72 -10.01 6.60 19.41
C ARG A 72 -11.41 5.93 19.41
N GLY A 73 -12.19 6.18 18.35
CA GLY A 73 -13.51 5.64 18.11
C GLY A 73 -14.54 6.02 19.16
N ASN A 74 -15.42 5.05 19.49
CA ASN A 74 -16.43 5.24 20.53
C ASN A 74 -15.95 4.67 21.87
N PHE A 75 -14.65 4.30 21.93
CA PHE A 75 -14.02 3.72 23.12
C PHE A 75 -13.38 4.79 24.01
N SER A 76 -13.36 4.53 25.33
CA SER A 76 -12.85 5.43 26.37
C SER A 76 -11.33 5.26 26.57
N ASN A 77 -10.71 6.20 27.33
CA ASN A 77 -9.29 6.18 27.69
C ASN A 77 -8.91 4.96 28.54
N GLU A 78 -9.79 4.54 29.50
CA GLU A 78 -9.55 3.36 30.36
C GLU A 78 -9.54 2.10 29.49
N GLU A 79 -10.53 1.98 28.59
CA GLU A 79 -10.66 0.88 27.64
C GLU A 79 -9.43 0.84 26.71
N TRP A 80 -8.92 2.01 26.29
CA TRP A 80 -7.72 2.09 25.45
C TRP A 80 -6.45 1.64 26.20
N LYS A 81 -6.35 1.95 27.52
CA LYS A 81 -5.22 1.60 28.40
C LYS A 81 -5.08 0.07 28.56
N GLU A 82 -6.22 -0.63 28.74
CA GLU A 82 -6.28 -2.09 28.88
C GLU A 82 -5.88 -2.76 27.55
N LEU A 83 -6.42 -2.25 26.42
CA LEU A 83 -6.07 -2.74 25.07
C LEU A 83 -4.56 -2.61 24.85
N GLU A 84 -3.97 -1.45 25.24
CA GLU A 84 -2.55 -1.12 25.14
C GLU A 84 -1.71 -2.09 25.96
N THR A 85 -2.14 -2.37 27.21
CA THR A 85 -1.44 -3.27 28.14
C THR A 85 -1.42 -4.69 27.59
N LEU A 86 -2.56 -5.16 27.05
CA LEU A 86 -2.74 -6.50 26.45
C LEU A 86 -1.83 -6.66 25.23
N PHE A 87 -1.73 -5.63 24.37
CA PHE A 87 -0.85 -5.69 23.21
C PHE A 87 0.64 -5.70 23.61
N ARG A 88 1.03 -4.85 24.58
CA ARG A 88 2.41 -4.73 25.05
C ARG A 88 2.95 -6.08 25.60
N ILE A 89 2.15 -6.79 26.39
CA ILE A 89 2.58 -8.06 27.00
C ILE A 89 2.60 -9.19 25.96
N ARG A 90 1.61 -9.23 25.05
CA ARG A 90 1.51 -10.27 24.01
C ARG A 90 2.67 -10.17 22.98
N THR A 91 3.24 -8.97 22.75
CA THR A 91 4.37 -8.82 21.82
C THR A 91 5.68 -9.32 22.43
N ILE A 92 5.93 -9.04 23.73
CA ILE A 92 7.12 -9.52 24.44
C ILE A 92 7.08 -11.04 24.52
N ARG A 93 5.88 -11.59 24.78
CA ARG A 93 5.58 -13.02 24.84
C ARG A 93 5.81 -13.69 23.47
N SER A 94 5.41 -13.00 22.38
CA SER A 94 5.55 -13.52 21.02
C SER A 94 7.01 -13.61 20.58
N PHE A 95 7.77 -12.51 20.79
CA PHE A 95 9.18 -12.48 20.42
C PHE A 95 10.01 -13.50 21.21
N GLU A 96 9.70 -13.68 22.50
CA GLU A 96 10.39 -14.64 23.36
C GLU A 96 10.03 -16.08 22.98
N GLY A 97 8.74 -16.31 22.70
CA GLY A 97 8.19 -17.61 22.31
C GLY A 97 8.78 -18.11 21.02
N ILE A 98 8.81 -17.24 19.97
CA ILE A 98 9.36 -17.54 18.65
C ILE A 98 10.88 -17.83 18.80
N ARG A 99 11.61 -16.97 19.54
CA ARG A 99 13.04 -17.15 19.82
C ARG A 99 13.32 -18.49 20.51
N ARG A 100 12.52 -18.85 21.52
CA ARG A 100 12.65 -20.09 22.27
C ARG A 100 12.40 -21.33 21.42
N TYR A 101 11.37 -21.30 20.55
CA TYR A 101 11.01 -22.50 19.80
C TYR A 101 11.46 -22.49 18.33
N ALA A 102 12.22 -21.47 17.90
CA ALA A 102 12.68 -21.35 16.51
C ALA A 102 13.34 -22.65 16.03
N HIS A 103 14.24 -23.25 16.83
CA HIS A 103 14.89 -24.49 16.43
C HIS A 103 13.89 -25.65 16.26
N GLU A 104 13.04 -25.91 17.27
CA GLU A 104 12.04 -26.99 17.22
C GLU A 104 11.05 -26.79 16.08
N LEU A 105 10.72 -25.53 15.78
CA LEU A 105 9.78 -25.16 14.70
C LEU A 105 10.47 -25.14 13.35
N GLN A 106 11.80 -25.33 13.31
CA GLN A 106 12.65 -25.33 12.11
C GLN A 106 12.67 -23.93 11.46
N PHE A 107 12.63 -22.86 12.28
CA PHE A 107 12.73 -21.49 11.79
C PHE A 107 14.19 -21.12 11.76
N GLU A 108 14.73 -20.86 10.57
CA GLU A 108 16.14 -20.48 10.39
C GLU A 108 16.25 -19.01 10.07
N TYR A 109 17.08 -18.30 10.84
CA TYR A 109 17.35 -16.89 10.68
C TYR A 109 18.09 -16.62 9.34
N PRO A 110 17.79 -15.51 8.64
CA PRO A 110 16.77 -14.49 8.94
C PRO A 110 15.38 -14.91 8.47
N PHE A 111 14.34 -14.64 9.28
CA PHE A 111 12.98 -14.97 8.83
C PHE A 111 12.01 -13.86 9.22
N GLU A 112 10.85 -13.83 8.55
CA GLU A 112 9.84 -12.84 8.84
C GLU A 112 8.50 -13.50 9.12
N ILE A 113 7.81 -13.00 10.15
CA ILE A 113 6.46 -13.43 10.51
C ILE A 113 5.52 -12.29 10.20
N GLN A 114 4.42 -12.56 9.50
CA GLN A 114 3.43 -11.53 9.26
C GLN A 114 2.12 -12.02 9.79
N VAL A 115 1.35 -11.12 10.39
CA VAL A 115 0.03 -11.41 10.93
C VAL A 115 -0.95 -10.33 10.51
N THR A 116 -2.16 -10.75 10.13
CA THR A 116 -3.25 -9.82 9.84
C THR A 116 -4.50 -10.36 10.52
N GLY A 117 -5.19 -9.49 11.21
CA GLY A 117 -6.41 -9.87 11.90
C GLY A 117 -7.38 -8.72 11.93
N GLY A 118 -8.66 -9.05 11.99
CA GLY A 118 -9.71 -8.06 12.06
C GLY A 118 -11.08 -8.60 11.76
N CYS A 119 -11.98 -7.70 11.36
CA CYS A 119 -13.36 -8.06 11.05
C CYS A 119 -13.83 -7.29 9.81
N GLU A 120 -14.72 -7.93 9.00
CA GLU A 120 -15.25 -7.39 7.76
C GLU A 120 -16.76 -7.23 7.82
N GLY A 128 -18.21 -11.48 9.90
CA GLY A 128 -16.93 -11.84 9.31
C GLY A 128 -15.75 -11.43 10.17
N SER A 129 -14.87 -12.40 10.52
CA SER A 129 -13.69 -12.18 11.34
C SER A 129 -12.58 -13.12 10.90
N PHE A 130 -11.31 -12.69 11.01
CA PHE A 130 -10.16 -13.48 10.59
C PHE A 130 -8.92 -13.13 11.40
N LEU A 131 -7.95 -14.06 11.43
CA LEU A 131 -6.65 -13.88 12.06
C LEU A 131 -5.72 -14.91 11.43
N GLN A 132 -4.81 -14.44 10.57
CA GLN A 132 -3.92 -15.27 9.75
C GLN A 132 -2.48 -14.92 9.98
N LEU A 133 -1.62 -15.94 9.89
CA LEU A 133 -0.21 -15.78 10.09
C LEU A 133 0.56 -16.44 8.97
N ALA A 134 1.57 -15.71 8.48
CA ALA A 134 2.50 -16.18 7.43
C ALA A 134 3.89 -16.28 7.97
N TYR A 135 4.66 -17.21 7.42
CA TYR A 135 6.06 -17.41 7.70
C TYR A 135 6.75 -17.33 6.36
N GLN A 136 7.77 -16.45 6.25
CA GLN A 136 8.52 -16.24 5.00
C GLN A 136 7.58 -15.91 3.83
N GLY A 137 6.53 -15.14 4.09
CA GLY A 137 5.60 -14.64 3.09
C GLY A 137 4.62 -15.64 2.53
N SER A 138 4.47 -16.81 3.20
CA SER A 138 3.51 -17.83 2.79
C SER A 138 2.56 -18.16 3.93
N ASP A 139 1.26 -18.44 3.60
CA ASP A 139 0.24 -18.90 4.56
C ASP A 139 0.82 -19.98 5.47
N PHE A 140 0.70 -19.83 6.78
CA PHE A 140 1.29 -20.79 7.70
C PHE A 140 0.22 -21.37 8.66
N VAL A 141 -0.39 -20.50 9.47
CA VAL A 141 -1.43 -20.91 10.46
C VAL A 141 -2.50 -19.85 10.47
N SER A 142 -3.70 -20.21 10.96
CA SER A 142 -4.75 -19.21 11.13
C SER A 142 -5.60 -19.59 12.35
N PHE A 143 -6.22 -18.60 12.95
CA PHE A 143 -7.08 -18.80 14.10
C PHE A 143 -8.51 -18.97 13.62
N GLN A 144 -9.12 -20.15 13.91
CA GLN A 144 -10.48 -20.47 13.50
C GLN A 144 -11.30 -20.84 14.72
N ASN A 145 -12.36 -20.07 14.97
CA ASN A 145 -13.25 -20.24 16.13
C ASN A 145 -12.48 -20.01 17.45
N ASN A 146 -11.92 -21.05 18.09
CA ASN A 146 -11.24 -20.91 19.38
C ASN A 146 -9.85 -21.54 19.41
N SER A 147 -9.28 -21.87 18.25
CA SER A 147 -7.94 -22.45 18.21
C SER A 147 -7.21 -22.11 16.93
N TRP A 148 -5.90 -22.26 17.00
CA TRP A 148 -5.04 -22.07 15.85
C TRP A 148 -5.00 -23.37 15.08
N LEU A 149 -5.22 -23.28 13.77
CA LEU A 149 -5.27 -24.37 12.80
C LEU A 149 -4.14 -24.21 11.81
N PRO A 150 -3.40 -25.29 11.51
CA PRO A 150 -2.30 -25.16 10.54
C PRO A 150 -2.83 -25.17 9.12
N TYR A 151 -2.16 -24.45 8.22
CA TYR A 151 -2.55 -24.55 6.82
C TYR A 151 -2.04 -25.92 6.37
N PRO A 152 -2.89 -26.83 5.84
CA PRO A 152 -2.37 -28.17 5.50
C PRO A 152 -1.07 -28.15 4.68
N VAL A 153 -0.89 -27.18 3.74
CA VAL A 153 0.30 -27.09 2.89
C VAL A 153 1.56 -26.77 3.67
N ALA A 154 1.44 -26.04 4.81
CA ALA A 154 2.59 -25.64 5.62
C ALA A 154 3.27 -26.82 6.35
N GLY A 155 2.64 -28.00 6.32
CA GLY A 155 3.17 -29.24 6.86
C GLY A 155 3.35 -29.38 8.36
N ASN A 156 4.30 -30.24 8.78
CA ASN A 156 4.59 -30.56 10.18
C ASN A 156 5.03 -29.34 10.99
N MET A 157 5.76 -28.38 10.39
CA MET A 157 6.18 -27.15 11.07
C MET A 157 4.97 -26.40 11.60
N ALA A 158 3.95 -26.19 10.74
CA ALA A 158 2.74 -25.46 11.11
C ALA A 158 1.92 -26.22 12.18
N LYS A 159 1.89 -27.58 12.13
CA LYS A 159 1.20 -28.38 13.16
C LYS A 159 1.90 -28.20 14.50
N HIS A 160 3.25 -28.22 14.48
CA HIS A 160 4.09 -28.02 15.66
C HIS A 160 3.93 -26.61 16.24
N PHE A 161 3.73 -25.60 15.38
CA PHE A 161 3.54 -24.21 15.82
C PHE A 161 2.20 -24.06 16.52
N CYS A 162 1.14 -24.69 15.97
CA CYS A 162 -0.21 -24.67 16.55
C CYS A 162 -0.22 -25.33 17.93
N LYS A 163 0.63 -26.35 18.14
CA LYS A 163 0.78 -27.00 19.45
C LYS A 163 1.24 -25.97 20.48
N VAL A 164 2.28 -25.20 20.14
CA VAL A 164 2.85 -24.11 20.95
C VAL A 164 1.82 -22.94 21.12
N LEU A 165 1.09 -22.57 20.04
CA LEU A 165 0.11 -21.49 20.08
C LEU A 165 -1.17 -21.86 20.89
N ASN A 166 -1.54 -23.15 20.94
CA ASN A 166 -2.76 -23.61 21.63
C ASN A 166 -2.49 -24.16 23.04
N GLN A 167 -1.29 -23.93 23.60
CA GLN A 167 -0.86 -24.41 24.92
C GLN A 167 -1.82 -23.93 26.03
N ASN A 168 -2.28 -22.69 25.91
CA ASN A 168 -3.18 -22.07 26.89
C ASN A 168 -4.54 -21.78 26.24
N GLN A 169 -5.59 -22.51 26.64
CA GLN A 169 -6.94 -22.33 26.09
C GLN A 169 -7.55 -21.00 26.50
N HIS A 170 -7.25 -20.51 27.73
CA HIS A 170 -7.75 -19.22 28.19
C HIS A 170 -7.23 -18.08 27.29
N GLU A 171 -5.98 -18.18 26.83
CA GLU A 171 -5.42 -17.15 25.94
C GLU A 171 -6.15 -17.17 24.60
N ASN A 172 -6.55 -18.36 24.12
CA ASN A 172 -7.30 -18.52 22.88
C ASN A 172 -8.73 -18.03 23.01
N ASP A 173 -9.34 -18.16 24.20
CA ASP A 173 -10.68 -17.65 24.43
C ASP A 173 -10.66 -16.13 24.38
N ILE A 174 -9.56 -15.52 24.90
CA ILE A 174 -9.37 -14.05 24.86
C ILE A 174 -9.29 -13.64 23.40
N THR A 175 -8.52 -14.38 22.57
CA THR A 175 -8.38 -14.09 21.14
C THR A 175 -9.75 -14.16 20.43
N HIS A 176 -10.55 -15.19 20.71
CA HIS A 176 -11.89 -15.36 20.12
C HIS A 176 -12.78 -14.16 20.44
N ASN A 177 -12.78 -13.75 21.72
CA ASN A 177 -13.60 -12.62 22.20
C ASN A 177 -13.12 -11.31 21.58
N LEU A 178 -11.81 -11.15 21.36
CA LEU A 178 -11.30 -9.93 20.71
C LEU A 178 -11.82 -9.82 19.27
N LEU A 179 -11.84 -10.95 18.57
CA LEU A 179 -12.25 -11.04 17.16
C LEU A 179 -13.76 -10.97 16.98
N SER A 180 -14.52 -11.71 17.83
CA SER A 180 -15.97 -11.79 17.70
C SER A 180 -16.72 -10.66 18.37
N ASP A 181 -16.21 -10.15 19.51
CA ASP A 181 -16.93 -9.13 20.28
C ASP A 181 -16.28 -7.73 20.22
N THR A 182 -14.99 -7.59 20.62
CA THR A 182 -14.29 -6.31 20.64
C THR A 182 -14.15 -5.71 19.23
N CYS A 183 -13.80 -6.54 18.21
CA CYS A 183 -13.59 -6.03 16.85
C CYS A 183 -14.88 -5.45 16.22
N PRO A 184 -16.04 -6.16 16.12
CA PRO A 184 -17.24 -5.56 15.49
C PRO A 184 -17.68 -4.27 16.16
N ARG A 185 -17.55 -4.20 17.50
CA ARG A 185 -17.89 -3.02 18.30
C ARG A 185 -16.98 -1.85 17.93
N PHE A 186 -15.72 -2.13 17.61
CA PHE A 186 -14.74 -1.11 17.23
C PHE A 186 -15.00 -0.54 15.83
N ILE A 187 -15.16 -1.39 14.79
CA ILE A 187 -15.32 -0.99 13.39
C ILE A 187 -16.56 -0.07 13.15
N LEU A 188 -17.73 -0.42 13.70
CA LEU A 188 -18.95 0.40 13.55
C LEU A 188 -18.78 1.76 14.25
N GLY A 189 -18.19 1.73 15.46
CA GLY A 189 -17.91 2.92 16.28
C GLY A 189 -16.74 3.77 15.81
N LEU A 190 -16.11 3.35 14.70
CA LEU A 190 -15.00 4.03 14.06
C LEU A 190 -15.49 4.67 12.75
N LEU A 191 -16.29 3.90 11.95
CA LEU A 191 -16.92 4.35 10.71
C LEU A 191 -17.88 5.52 10.96
N ASP A 192 -18.44 5.59 12.18
CA ASP A 192 -19.31 6.70 12.58
C ASP A 192 -18.44 7.91 12.89
N ALA A 193 -17.48 7.77 13.84
CA ALA A 193 -16.58 8.86 14.24
C ALA A 193 -15.81 9.48 13.04
N GLY A 194 -15.41 8.65 12.08
CA GLY A 194 -14.69 9.09 10.90
C GLY A 194 -15.48 9.32 9.64
N LYS A 195 -16.84 9.35 9.76
CA LYS A 195 -17.82 9.54 8.67
C LYS A 195 -17.50 10.74 7.77
N ALA A 196 -17.16 11.90 8.36
CA ALA A 196 -16.80 13.15 7.67
C ALA A 196 -15.55 12.98 6.76
N HIS A 197 -14.72 11.96 7.04
CA HIS A 197 -13.50 11.69 6.29
C HIS A 197 -13.71 10.60 5.23
N LEU A 198 -14.26 9.44 5.62
CA LEU A 198 -14.44 8.31 4.71
C LEU A 198 -15.48 8.57 3.59
N GLN A 199 -16.41 9.49 3.81
CA GLN A 199 -17.46 9.79 2.83
C GLN A 199 -17.17 11.08 2.06
N ARG A 200 -15.98 11.68 2.23
CA ARG A 200 -15.68 12.92 1.53
C ARG A 200 -15.51 12.63 0.04
N GLN A 201 -15.82 13.61 -0.79
CA GLN A 201 -15.65 13.50 -2.25
C GLN A 201 -14.58 14.49 -2.66
N VAL A 202 -13.49 14.02 -3.29
CA VAL A 202 -12.40 14.91 -3.75
C VAL A 202 -12.31 14.75 -5.26
N LYS A 203 -12.40 15.85 -6.00
CA LYS A 203 -12.42 15.82 -7.44
C LYS A 203 -11.06 15.51 -8.03
N PRO A 204 -11.02 14.66 -9.09
CA PRO A 204 -9.74 14.44 -9.77
C PRO A 204 -9.29 15.62 -10.63
N GLU A 205 -8.01 15.63 -10.96
CA GLU A 205 -7.45 16.46 -12.01
C GLU A 205 -6.83 15.49 -13.00
N ALA A 206 -6.73 15.89 -14.25
CA ALA A 206 -6.15 14.96 -15.24
C ALA A 206 -5.23 15.73 -16.16
N TRP A 207 -4.34 15.00 -16.83
CA TRP A 207 -3.47 15.61 -17.82
C TRP A 207 -2.98 14.55 -18.78
N LEU A 208 -2.51 14.98 -19.94
CA LEU A 208 -2.08 14.06 -20.98
C LEU A 208 -0.59 14.20 -21.19
N SER A 209 0.04 13.09 -21.60
CA SER A 209 1.48 13.12 -21.93
C SER A 209 1.80 12.06 -22.93
N HIS A 210 3.05 12.10 -23.49
CA HIS A 210 3.51 11.05 -24.40
C HIS A 210 4.06 9.89 -23.58
N GLY A 211 3.76 8.68 -23.99
CA GLY A 211 4.28 7.46 -23.35
C GLY A 211 5.68 7.19 -23.85
N PRO A 212 6.55 6.55 -23.02
CA PRO A 212 7.97 6.44 -23.39
C PRO A 212 8.39 5.20 -24.17
N SER A 213 7.58 4.14 -24.19
CA SER A 213 7.96 2.90 -24.89
C SER A 213 7.02 2.52 -26.08
N PRO A 214 6.75 3.37 -27.10
CA PRO A 214 5.90 2.91 -28.23
C PRO A 214 6.73 2.13 -29.25
N GLY A 215 6.06 1.35 -30.13
CA GLY A 215 6.67 0.60 -31.22
C GLY A 215 6.86 1.43 -32.48
N PRO A 216 7.50 0.91 -33.56
CA PRO A 216 7.72 1.74 -34.76
C PRO A 216 6.43 2.13 -35.49
N GLY A 217 6.33 3.41 -35.86
CA GLY A 217 5.16 4.00 -36.52
C GLY A 217 3.99 4.20 -35.58
N HIS A 218 4.20 3.93 -34.28
CA HIS A 218 3.14 4.04 -33.28
C HIS A 218 3.50 5.01 -32.17
N LEU A 219 2.48 5.52 -31.46
CA LEU A 219 2.63 6.40 -30.30
C LEU A 219 1.94 5.82 -29.12
N GLN A 220 2.37 6.21 -27.93
CA GLN A 220 1.69 5.85 -26.70
C GLN A 220 1.13 7.13 -26.09
N LEU A 221 -0.20 7.19 -25.98
CA LEU A 221 -0.90 8.34 -25.38
CA LEU A 221 -0.89 8.35 -25.39
C LEU A 221 -1.16 8.02 -23.94
N VAL A 222 -0.84 8.93 -23.02
CA VAL A 222 -1.04 8.64 -21.60
C VAL A 222 -1.96 9.64 -20.98
N CYS A 223 -2.99 9.15 -20.29
CA CYS A 223 -3.92 10.00 -19.56
C CYS A 223 -3.71 9.76 -18.08
N HIS A 224 -3.30 10.81 -17.36
CA HIS A 224 -3.03 10.72 -15.91
C HIS A 224 -4.21 11.27 -15.15
N VAL A 225 -4.65 10.59 -14.10
CA VAL A 225 -5.81 11.04 -13.28
C VAL A 225 -5.31 11.04 -11.85
N SER A 226 -5.39 12.18 -11.16
CA SER A 226 -4.86 12.24 -9.79
CA SER A 226 -4.82 12.29 -9.82
C SER A 226 -5.73 13.07 -8.86
N GLY A 227 -5.51 12.88 -7.56
CA GLY A 227 -6.21 13.64 -6.55
C GLY A 227 -7.65 13.29 -6.29
N PHE A 228 -8.09 12.10 -6.66
CA PHE A 228 -9.48 11.71 -6.46
C PHE A 228 -9.64 10.86 -5.24
N TYR A 229 -10.82 10.98 -4.67
CA TYR A 229 -11.25 10.23 -3.50
C TYR A 229 -12.78 10.23 -3.48
N PRO A 230 -13.48 9.11 -3.25
CA PRO A 230 -12.94 7.76 -2.97
C PRO A 230 -12.33 7.09 -4.20
N LYS A 231 -11.86 5.87 -4.02
CA LYS A 231 -11.08 5.12 -4.99
C LYS A 231 -11.79 4.79 -6.32
N PRO A 232 -13.09 4.39 -6.39
CA PRO A 232 -13.64 3.95 -7.70
C PRO A 232 -13.61 5.09 -8.72
N VAL A 233 -13.10 4.83 -9.93
CA VAL A 233 -12.98 5.84 -10.98
C VAL A 233 -13.15 5.13 -12.30
N TRP A 234 -13.57 5.87 -13.31
CA TRP A 234 -13.72 5.39 -14.69
C TRP A 234 -12.81 6.29 -15.56
N VAL A 235 -12.00 5.69 -16.41
CA VAL A 235 -11.13 6.48 -17.32
C VAL A 235 -11.00 5.74 -18.63
N MET A 236 -11.33 6.41 -19.76
CA MET A 236 -11.19 5.78 -21.08
C MET A 236 -10.71 6.76 -22.13
N TRP A 237 -9.84 6.30 -23.05
CA TRP A 237 -9.52 7.05 -24.26
C TRP A 237 -10.74 6.88 -25.15
N MET A 238 -11.12 7.92 -25.87
CA MET A 238 -12.33 7.97 -26.69
C MET A 238 -12.04 8.54 -28.01
N ARG A 239 -12.90 8.22 -28.98
CA ARG A 239 -12.96 8.92 -30.26
C ARG A 239 -14.42 9.33 -30.32
N GLY A 240 -14.69 10.57 -29.86
CA GLY A 240 -16.06 11.07 -29.79
C GLY A 240 -16.79 10.28 -28.71
N GLU A 241 -17.89 9.58 -29.07
CA GLU A 241 -18.62 8.78 -28.07
C GLU A 241 -18.11 7.32 -28.04
N GLN A 242 -17.14 6.96 -28.92
CA GLN A 242 -16.67 5.57 -29.01
C GLN A 242 -15.53 5.32 -28.06
N GLU A 243 -15.72 4.41 -27.09
CA GLU A 243 -14.62 4.04 -26.19
C GLU A 243 -13.55 3.27 -26.97
N GLN A 244 -12.30 3.63 -26.78
CA GLN A 244 -11.16 2.96 -27.44
C GLN A 244 -10.77 1.81 -26.57
N GLN A 245 -11.10 0.61 -27.02
CA GLN A 245 -10.86 -0.57 -26.17
C GLN A 245 -9.40 -0.98 -26.04
N GLY A 246 -8.50 -0.28 -26.74
CA GLY A 246 -7.07 -0.48 -26.49
C GLY A 246 -6.64 0.24 -25.21
N THR A 247 -7.57 0.94 -24.51
CA THR A 247 -7.20 1.69 -23.27
C THR A 247 -6.68 0.69 -22.21
N GLN A 248 -5.44 0.89 -21.77
CA GLN A 248 -4.82 0.03 -20.76
C GLN A 248 -4.72 0.80 -19.46
N ARG A 249 -5.56 0.45 -18.51
CA ARG A 249 -5.58 1.12 -17.23
C ARG A 249 -4.52 0.52 -16.32
N GLY A 250 -3.68 1.35 -15.72
CA GLY A 250 -2.69 0.80 -14.79
C GLY A 250 -3.28 0.58 -13.40
N ASP A 251 -2.43 0.30 -12.41
CA ASP A 251 -2.90 0.13 -11.03
C ASP A 251 -3.33 1.48 -10.44
N ILE A 252 -4.26 1.47 -9.48
CA ILE A 252 -4.61 2.71 -8.77
C ILE A 252 -3.52 2.85 -7.71
N LEU A 253 -2.79 3.97 -7.71
CA LEU A 253 -1.63 4.18 -6.86
C LEU A 253 -1.93 5.23 -5.81
N PRO A 254 -1.28 5.09 -4.64
CA PRO A 254 -1.59 6.08 -3.59
C PRO A 254 -0.79 7.34 -3.69
N SER A 255 -1.35 8.41 -3.10
CA SER A 255 -0.62 9.66 -2.96
CA SER A 255 -0.65 9.68 -2.95
C SER A 255 -0.48 9.92 -1.47
N ALA A 256 0.57 10.64 -1.10
CA ALA A 256 0.89 11.01 0.29
C ALA A 256 -0.27 11.70 0.99
N ASP A 257 -1.13 12.44 0.25
CA ASP A 257 -2.26 13.16 0.87
C ASP A 257 -3.55 12.31 1.04
N GLY A 258 -3.49 11.00 0.76
CA GLY A 258 -4.63 10.08 0.90
C GLY A 258 -5.50 9.92 -0.34
N THR A 259 -5.24 10.73 -1.37
CA THR A 259 -5.97 10.60 -2.64
C THR A 259 -5.27 9.51 -3.51
N TRP A 260 -5.81 9.25 -4.71
CA TRP A 260 -5.40 8.20 -5.60
C TRP A 260 -4.97 8.72 -6.95
N TYR A 261 -4.22 7.89 -7.65
CA TYR A 261 -3.66 8.21 -8.96
C TYR A 261 -3.81 7.00 -9.87
N LEU A 262 -4.02 7.27 -11.17
CA LEU A 262 -4.11 6.19 -12.14
C LEU A 262 -3.63 6.71 -13.49
N ARG A 263 -2.94 5.90 -14.26
CA ARG A 263 -2.58 6.30 -15.63
C ARG A 263 -3.26 5.28 -16.62
N ALA A 264 -3.81 5.79 -17.71
CA ALA A 264 -4.47 4.94 -18.73
C ALA A 264 -3.82 5.28 -20.06
N THR A 265 -3.27 4.25 -20.71
CA THR A 265 -2.50 4.45 -21.92
C THR A 265 -3.19 3.86 -23.10
N LEU A 266 -2.88 4.41 -24.28
CA LEU A 266 -3.42 3.91 -25.54
C LEU A 266 -2.31 3.90 -26.58
N GLU A 267 -2.09 2.75 -27.21
CA GLU A 267 -1.15 2.63 -28.30
C GLU A 267 -1.92 2.92 -29.60
N VAL A 268 -1.42 3.87 -30.38
CA VAL A 268 -2.08 4.25 -31.65
C VAL A 268 -1.05 4.38 -32.74
N ALA A 269 -1.49 4.23 -34.01
CA ALA A 269 -0.65 4.47 -35.17
C ALA A 269 -0.43 5.97 -35.28
N ALA A 270 0.81 6.41 -35.63
CA ALA A 270 1.16 7.84 -35.71
C ALA A 270 0.14 8.66 -36.53
N GLY A 271 -0.38 8.08 -37.62
CA GLY A 271 -1.37 8.77 -38.45
C GLY A 271 -2.82 8.56 -38.04
N GLU A 272 -3.08 8.29 -36.73
CA GLU A 272 -4.43 8.01 -36.24
C GLU A 272 -4.71 8.59 -34.83
N ALA A 273 -3.84 9.49 -34.31
CA ALA A 273 -4.04 10.09 -32.99
C ALA A 273 -5.01 11.27 -33.03
N ALA A 274 -5.58 11.57 -34.23
CA ALA A 274 -6.54 12.65 -34.44
C ALA A 274 -7.89 12.36 -33.80
N ASP A 275 -8.50 13.42 -33.26
CA ASP A 275 -9.82 13.45 -32.59
C ASP A 275 -9.88 12.52 -31.35
N LEU A 276 -8.71 12.21 -30.74
CA LEU A 276 -8.76 11.37 -29.54
C LEU A 276 -8.87 12.22 -28.28
N SER A 277 -9.61 11.72 -27.29
CA SER A 277 -9.77 12.41 -26.00
C SER A 277 -9.72 11.39 -24.86
N CYS A 278 -9.39 11.86 -23.66
CA CYS A 278 -9.43 11.02 -22.48
C CYS A 278 -10.61 11.53 -21.65
N ARG A 279 -11.52 10.64 -21.24
CA ARG A 279 -12.70 11.00 -20.46
C ARG A 279 -12.61 10.35 -19.10
N VAL A 280 -12.81 11.18 -18.05
CA VAL A 280 -12.80 10.72 -16.66
C VAL A 280 -14.18 10.89 -16.01
N LYS A 281 -14.68 9.82 -15.36
CA LYS A 281 -15.94 9.87 -14.63
C LYS A 281 -15.64 9.51 -13.21
N HIS A 282 -16.15 10.29 -12.27
CA HIS A 282 -15.90 10.05 -10.86
C HIS A 282 -17.11 10.54 -10.08
N SER A 283 -17.44 9.85 -8.97
CA SER A 283 -18.57 10.20 -8.10
C SER A 283 -18.57 11.69 -7.67
N SER A 284 -17.39 12.28 -7.45
CA SER A 284 -17.27 13.68 -7.02
C SER A 284 -17.67 14.70 -8.09
N LEU A 285 -17.70 14.30 -9.35
CA LEU A 285 -17.94 15.21 -10.46
C LEU A 285 -19.43 15.42 -10.77
N GLU A 286 -20.32 14.62 -10.14
CA GLU A 286 -21.76 14.69 -10.32
C GLU A 286 -22.17 14.81 -11.81
N GLY A 287 -21.69 13.87 -12.62
CA GLY A 287 -21.99 13.82 -14.04
C GLY A 287 -21.26 14.78 -14.96
N GLN A 288 -20.39 15.67 -14.42
CA GLN A 288 -19.62 16.59 -15.25
C GLN A 288 -18.25 15.96 -15.53
N ASP A 289 -18.19 15.05 -16.52
CA ASP A 289 -16.93 14.34 -16.77
C ASP A 289 -15.79 15.29 -17.14
N ILE A 290 -14.56 14.88 -16.84
CA ILE A 290 -13.40 15.62 -17.29
C ILE A 290 -13.09 15.09 -18.65
N VAL A 291 -12.90 15.97 -19.63
CA VAL A 291 -12.55 15.53 -20.98
C VAL A 291 -11.37 16.35 -21.46
N LEU A 292 -10.28 15.68 -21.84
CA LEU A 292 -9.07 16.34 -22.38
C LEU A 292 -8.81 15.86 -23.75
N TYR A 293 -8.26 16.70 -24.63
CA TYR A 293 -8.11 16.34 -26.03
C TYR A 293 -6.64 16.27 -26.43
N TRP A 294 -6.27 15.25 -27.19
CA TRP A 294 -4.93 15.10 -27.72
C TRP A 294 -4.78 16.18 -28.79
N GLU A 295 -4.22 17.34 -28.37
CA GLU A 295 -4.28 18.57 -29.17
C GLU A 295 -3.11 19.50 -28.87
N GLY A 296 -2.96 20.56 -29.66
CA GLY A 296 -1.91 21.55 -29.44
C GLY A 296 -0.55 20.94 -29.66
N SER A 297 0.39 21.25 -28.77
CA SER A 297 1.78 20.78 -28.87
C SER A 297 1.92 19.24 -28.73
N LEU A 298 0.85 18.55 -28.31
CA LEU A 298 0.93 17.08 -28.19
C LEU A 298 0.82 16.41 -29.58
N VAL A 299 0.11 17.05 -30.54
CA VAL A 299 -0.15 16.52 -31.91
C VAL A 299 1.20 16.35 -32.68
N PRO A 300 2.03 17.39 -32.97
CA PRO A 300 1.86 18.84 -32.73
C PRO A 300 1.16 19.56 -33.90
N ARG A 301 0.49 20.70 -33.60
CA ARG A 301 -0.19 21.48 -34.66
C ARG A 301 0.79 22.49 -35.32
N ILE B 21 10.59 -17.88 -0.39
CA ILE B 21 10.13 -17.41 -1.69
C ILE B 21 10.32 -15.89 -1.79
N GLN B 22 11.28 -15.45 -2.61
CA GLN B 22 11.62 -14.03 -2.77
C GLN B 22 10.88 -13.47 -3.97
N ARG B 23 10.35 -12.24 -3.82
CA ARG B 23 9.57 -11.56 -4.85
CA ARG B 23 9.58 -11.56 -4.86
C ARG B 23 10.21 -10.21 -5.15
N THR B 24 10.41 -9.92 -6.43
CA THR B 24 11.08 -8.69 -6.83
C THR B 24 10.11 -7.48 -6.79
N PRO B 25 10.57 -6.28 -6.36
CA PRO B 25 9.67 -5.13 -6.37
C PRO B 25 9.24 -4.65 -7.74
N LYS B 26 7.98 -4.23 -7.80
CA LYS B 26 7.40 -3.50 -8.92
C LYS B 26 7.63 -2.04 -8.55
N ILE B 27 8.03 -1.17 -9.47
CA ILE B 27 8.39 0.22 -9.11
C ILE B 27 7.66 1.15 -10.06
N GLN B 28 6.85 2.06 -9.50
CA GLN B 28 6.05 2.99 -10.33
C GLN B 28 6.36 4.40 -9.85
N VAL B 29 6.68 5.30 -10.80
CA VAL B 29 7.05 6.69 -10.50
C VAL B 29 6.01 7.64 -11.14
N TYR B 30 5.51 8.60 -10.36
CA TYR B 30 4.48 9.52 -10.84
C TYR B 30 4.50 10.82 -10.05
N SER B 31 3.95 11.89 -10.62
CA SER B 31 3.84 13.15 -9.88
C SER B 31 2.39 13.31 -9.40
N ARG B 32 2.21 14.12 -8.36
CA ARG B 32 0.88 14.42 -7.83
C ARG B 32 0.07 15.32 -8.82
N HIS B 33 0.74 16.26 -9.49
CA HIS B 33 0.09 17.20 -10.39
C HIS B 33 0.79 17.18 -11.74
N PRO B 34 0.21 17.76 -12.83
CA PRO B 34 0.98 17.85 -14.08
C PRO B 34 2.30 18.59 -13.86
N ALA B 35 3.37 18.21 -14.56
CA ALA B 35 4.64 18.94 -14.44
C ALA B 35 4.52 20.34 -15.03
N GLU B 36 4.88 21.34 -14.25
CA GLU B 36 4.91 22.71 -14.69
C GLU B 36 6.20 23.29 -14.18
N ASN B 37 7.12 23.69 -15.08
CA ASN B 37 8.38 24.23 -14.60
C ASN B 37 8.15 25.39 -13.67
N GLY B 38 8.84 25.38 -12.53
CA GLY B 38 8.75 26.43 -11.53
C GLY B 38 7.56 26.36 -10.59
N LYS B 39 6.73 25.29 -10.67
CA LYS B 39 5.59 25.10 -9.75
C LYS B 39 5.84 23.90 -8.86
N SER B 40 5.59 24.07 -7.57
CA SER B 40 5.77 23.05 -6.52
C SER B 40 4.89 21.83 -6.81
N ASN B 41 5.39 20.62 -6.52
CA ASN B 41 4.70 19.38 -6.87
C ASN B 41 5.22 18.29 -5.93
N PHE B 42 4.72 17.05 -6.08
CA PHE B 42 5.18 15.91 -5.30
C PHE B 42 5.59 14.82 -6.24
N LEU B 43 6.78 14.25 -6.01
CA LEU B 43 7.32 13.13 -6.77
C LEU B 43 7.14 11.88 -5.96
N ASN B 44 6.55 10.84 -6.55
CA ASN B 44 6.21 9.62 -5.83
C ASN B 44 6.89 8.44 -6.42
N CYS B 45 7.29 7.50 -5.57
CA CYS B 45 7.80 6.22 -6.02
C CYS B 45 7.12 5.14 -5.21
N TYR B 46 6.22 4.38 -5.86
CA TYR B 46 5.47 3.32 -5.22
C TYR B 46 6.16 1.98 -5.51
N VAL B 47 6.65 1.34 -4.45
CA VAL B 47 7.38 0.07 -4.61
C VAL B 47 6.53 -1.02 -3.96
N SER B 48 6.22 -2.07 -4.71
CA SER B 48 5.27 -3.05 -4.22
C SER B 48 5.57 -4.47 -4.70
N GLY B 49 4.87 -5.43 -4.10
CA GLY B 49 5.00 -6.84 -4.44
C GLY B 49 6.32 -7.47 -4.10
N PHE B 50 7.05 -6.92 -3.12
CA PHE B 50 8.35 -7.51 -2.81
C PHE B 50 8.38 -8.35 -1.52
N HIS B 51 9.39 -9.23 -1.44
CA HIS B 51 9.63 -10.10 -0.30
C HIS B 51 11.08 -10.56 -0.37
N PRO B 52 11.90 -10.46 0.71
CA PRO B 52 11.57 -9.99 2.09
C PRO B 52 11.48 -8.46 2.17
N SER B 53 11.13 -7.89 3.35
CA SER B 53 10.84 -6.44 3.48
C SER B 53 12.06 -5.53 3.40
N ASP B 54 13.27 -6.07 3.53
CA ASP B 54 14.48 -5.24 3.46
C ASP B 54 14.62 -4.62 2.07
N ILE B 55 14.60 -3.30 2.02
CA ILE B 55 14.65 -2.56 0.75
C ILE B 55 15.25 -1.17 0.96
N GLU B 56 15.97 -0.70 -0.07
CA GLU B 56 16.60 0.61 -0.08
C GLU B 56 16.01 1.36 -1.22
N VAL B 57 15.38 2.51 -0.94
CA VAL B 57 14.77 3.29 -2.01
C VAL B 57 15.27 4.72 -1.90
N ASP B 58 15.75 5.27 -3.03
CA ASP B 58 16.17 6.64 -3.10
C ASP B 58 15.48 7.33 -4.24
N LEU B 59 15.19 8.63 -4.05
CA LEU B 59 14.68 9.50 -5.10
C LEU B 59 15.85 10.24 -5.60
N LEU B 60 15.97 10.32 -6.91
CA LEU B 60 17.11 10.99 -7.51
C LEU B 60 16.75 12.22 -8.33
N LYS B 61 17.59 13.24 -8.24
CA LYS B 61 17.51 14.47 -9.03
C LYS B 61 18.83 14.60 -9.74
N ASN B 62 18.83 14.48 -11.07
CA ASN B 62 20.03 14.54 -11.90
C ASN B 62 21.10 13.53 -11.42
N GLY B 63 20.65 12.35 -11.04
CA GLY B 63 21.49 11.24 -10.58
C GLY B 63 21.98 11.35 -9.13
N GLU B 64 21.66 12.47 -8.43
CA GLU B 64 22.07 12.68 -7.05
C GLU B 64 20.89 12.40 -6.10
N ARG B 65 21.20 11.74 -4.96
CA ARG B 65 20.21 11.40 -3.95
C ARG B 65 19.53 12.66 -3.38
N ILE B 66 18.20 12.64 -3.30
CA ILE B 66 17.42 13.73 -2.70
C ILE B 66 17.41 13.45 -1.19
N GLU B 67 17.78 14.43 -0.39
CA GLU B 67 17.80 14.25 1.07
C GLU B 67 16.38 14.41 1.66
N LYS B 68 16.12 13.81 2.82
CA LYS B 68 14.90 13.97 3.62
C LYS B 68 13.59 13.60 2.88
N VAL B 69 13.64 12.52 2.08
CA VAL B 69 12.50 11.89 1.37
C VAL B 69 11.65 11.21 2.43
N GLU B 70 10.33 11.28 2.28
CA GLU B 70 9.43 10.67 3.25
C GLU B 70 8.94 9.33 2.74
N HIS B 71 8.50 8.44 3.63
CA HIS B 71 7.88 7.20 3.16
C HIS B 71 6.75 6.81 4.08
N SER B 72 5.77 6.08 3.53
CA SER B 72 4.62 5.54 4.25
C SER B 72 5.11 4.44 5.18
N ASP B 73 4.33 4.09 6.20
CA ASP B 73 4.71 2.97 7.05
C ASP B 73 4.63 1.69 6.21
N LEU B 74 5.57 0.77 6.40
CA LEU B 74 5.58 -0.51 5.67
C LEU B 74 4.25 -1.27 5.89
N SER B 75 3.69 -1.81 4.80
CA SER B 75 2.48 -2.59 4.88
C SER B 75 2.60 -3.76 3.91
N PHE B 76 1.60 -4.61 3.86
CA PHE B 76 1.65 -5.74 2.97
C PHE B 76 0.26 -5.97 2.40
N SER B 77 0.21 -6.64 1.25
CA SER B 77 -1.01 -7.00 0.54
C SER B 77 -1.56 -8.35 0.99
N LYS B 78 -2.74 -8.76 0.44
CA LYS B 78 -3.36 -10.05 0.74
C LYS B 78 -2.42 -11.23 0.49
N ASP B 79 -1.54 -11.14 -0.56
CA ASP B 79 -0.60 -12.22 -0.88
C ASP B 79 0.67 -12.19 -0.02
N TRP B 80 0.69 -11.30 1.02
CA TRP B 80 1.78 -11.10 2.01
C TRP B 80 2.97 -10.32 1.43
N SER B 81 2.93 -9.94 0.15
CA SER B 81 4.02 -9.14 -0.43
C SER B 81 3.96 -7.68 0.14
N PHE B 82 5.13 -7.07 0.33
CA PHE B 82 5.20 -5.74 0.95
C PHE B 82 5.04 -4.58 -0.04
N TYR B 83 4.63 -3.39 0.47
CA TYR B 83 4.56 -2.21 -0.39
C TYR B 83 4.83 -0.97 0.45
N LEU B 84 5.41 0.06 -0.19
CA LEU B 84 5.79 1.32 0.43
C LEU B 84 5.59 2.42 -0.58
N LEU B 85 5.29 3.61 -0.08
CA LEU B 85 5.28 4.80 -0.94
C LEU B 85 6.37 5.71 -0.46
N TYR B 86 7.27 6.13 -1.37
CA TYR B 86 8.28 7.14 -1.08
C TYR B 86 7.85 8.41 -1.79
N TYR B 87 8.01 9.57 -1.13
CA TYR B 87 7.63 10.81 -1.81
C TYR B 87 8.41 11.99 -1.28
N THR B 88 8.44 13.05 -2.07
CA THR B 88 9.07 14.29 -1.69
C THR B 88 8.44 15.44 -2.43
N GLU B 89 8.38 16.61 -1.78
CA GLU B 89 7.92 17.82 -2.47
C GLU B 89 9.08 18.29 -3.35
N PHE B 90 8.81 18.74 -4.57
CA PHE B 90 9.88 19.24 -5.45
C PHE B 90 9.33 20.28 -6.40
N THR B 91 10.23 21.03 -7.05
CA THR B 91 9.87 22.03 -8.07
C THR B 91 10.67 21.68 -9.33
N PRO B 92 10.05 21.07 -10.33
CA PRO B 92 10.82 20.76 -11.55
C PRO B 92 11.19 22.03 -12.35
N THR B 93 12.33 21.97 -13.05
CA THR B 93 12.79 22.99 -14.01
C THR B 93 13.05 22.24 -15.31
N GLU B 94 13.18 22.94 -16.45
CA GLU B 94 13.39 22.33 -17.78
C GLU B 94 14.59 21.37 -17.86
N LYS B 95 15.69 21.70 -17.17
CA LYS B 95 16.95 20.92 -17.21
C LYS B 95 17.01 19.76 -16.19
N ASP B 96 15.99 19.57 -15.35
CA ASP B 96 16.08 18.54 -14.32
C ASP B 96 15.43 17.24 -14.73
N GLU B 97 16.08 16.14 -14.36
CA GLU B 97 15.62 14.77 -14.56
C GLU B 97 15.48 14.12 -13.17
N TYR B 98 14.42 13.34 -12.98
CA TYR B 98 14.15 12.68 -11.70
C TYR B 98 13.96 11.20 -11.91
N ALA B 99 14.30 10.41 -10.89
CA ALA B 99 14.15 8.96 -10.95
C ALA B 99 14.00 8.38 -9.54
N CYS B 100 13.69 7.08 -9.48
CA CYS B 100 13.60 6.28 -8.29
C CYS B 100 14.59 5.14 -8.41
N ARG B 101 15.48 4.99 -7.42
CA ARG B 101 16.54 3.97 -7.40
C ARG B 101 16.24 2.97 -6.27
N VAL B 102 16.08 1.68 -6.63
CA VAL B 102 15.68 0.65 -5.68
C VAL B 102 16.73 -0.44 -5.57
N ASN B 103 17.08 -0.82 -4.33
CA ASN B 103 17.97 -1.96 -4.07
C ASN B 103 17.20 -2.98 -3.24
N HIS B 104 17.27 -4.25 -3.66
CA HIS B 104 16.61 -5.42 -3.04
C HIS B 104 17.44 -6.66 -3.31
N VAL B 105 17.34 -7.68 -2.43
CA VAL B 105 18.09 -8.95 -2.54
C VAL B 105 17.84 -9.64 -3.92
N THR B 106 16.66 -9.45 -4.54
CA THR B 106 16.28 -10.04 -5.82
C THR B 106 16.95 -9.36 -7.03
N LEU B 107 17.54 -8.18 -6.80
CA LEU B 107 18.20 -7.42 -7.87
C LEU B 107 19.72 -7.57 -7.78
N SER B 108 20.34 -8.04 -8.88
CA SER B 108 21.80 -8.17 -8.99
C SER B 108 22.44 -6.77 -8.98
N GLN B 109 21.72 -5.78 -9.55
CA GLN B 109 22.11 -4.36 -9.59
C GLN B 109 20.89 -3.45 -9.27
N PRO B 110 21.08 -2.25 -8.67
CA PRO B 110 19.93 -1.36 -8.41
C PRO B 110 19.15 -1.04 -9.68
N LYS B 111 17.81 -0.99 -9.54
CA LYS B 111 16.89 -0.72 -10.64
C LYS B 111 16.52 0.76 -10.60
N ILE B 112 16.76 1.48 -11.70
CA ILE B 112 16.47 2.91 -11.76
C ILE B 112 15.27 3.09 -12.70
N VAL B 113 14.18 3.67 -12.16
CA VAL B 113 12.97 3.93 -12.93
C VAL B 113 12.84 5.45 -13.01
N LYS B 114 12.81 5.98 -14.24
CA LYS B 114 12.77 7.43 -14.42
C LYS B 114 11.36 7.96 -14.27
N TRP B 115 11.25 9.23 -13.86
CA TRP B 115 9.99 9.93 -13.90
C TRP B 115 9.81 10.40 -15.33
N ASP B 116 8.76 9.94 -16.03
CA ASP B 116 8.50 10.39 -17.39
C ASP B 116 7.62 11.62 -17.40
N ARG B 117 8.13 12.68 -17.96
CA ARG B 117 7.35 13.88 -18.14
C ARG B 117 7.65 14.42 -19.53
N ASP B 118 6.67 15.10 -20.16
CA ASP B 118 6.86 15.69 -21.48
C ASP B 118 7.67 16.97 -21.36
CAA 6F8 C . 4.47 -17.12 20.75
CAK 6F8 C . 4.17 -17.05 19.25
CAM 6F8 C . 3.23 -15.88 18.92
CAF 6F8 C . 3.29 -15.68 17.39
CAD 6F8 C . 2.31 -14.71 16.67
CAL 6F8 C . 1.27 -13.88 17.44
CAE 6F8 C . 1.93 -12.53 17.77
CAG 6F8 C . 1.14 -11.21 17.70
CAN 6F8 C . -0.29 -11.19 17.18
CAO 6F8 C . -0.49 -9.90 16.39
CAP 6F8 C . -1.95 -9.72 16.01
CAQ 6F8 C . -2.36 -8.26 16.21
CAR 6F8 C . -3.89 -8.13 16.23
CAS 6F8 C . -4.41 -7.05 17.22
CAT 6F8 C . -3.28 -6.11 17.73
CAW 6F8 C . -3.77 -5.03 18.47
CAJ 6F8 C . -3.94 -3.79 17.85
CAH 6F8 C . -4.39 -2.68 18.57
CAI 6F8 C . -4.65 -2.77 19.94
CAU 6F8 C . -4.45 -4.00 20.58
OAB 6F8 C . -4.68 -4.17 21.90
CAV 6F8 C . -4.01 -5.11 19.86
OAC 6F8 C . -3.84 -6.29 20.52
#